data_7UHL
#
_entry.id   7UHL
#
_cell.length_a   105.853
_cell.length_b   105.853
_cell.length_c   99.100
_cell.angle_alpha   90.000
_cell.angle_beta   90.000
_cell.angle_gamma   120.000
#
_symmetry.space_group_name_H-M   'P 64 2 2'
#
loop_
_entity.id
_entity.type
_entity.pdbx_description
1 polymer 'Putative metallo-beta-lactamase l1 (Beta-lactamase type ii) (Ec 3.5.2.6) (Penicillinase)'
2 non-polymer 'ZINC ION'
3 non-polymer '(1R,6R,7R)-7-[(2R)-2-carboxypropanamido]-7-methoxy-3-methyl-8-oxo-5-oxa-1-azabicyclo[4.2.0]oct-2-ene-2-carboxylic acid'
4 water water
#
_entity_poly.entity_id   1
_entity_poly.type   'polypeptide(L)'
_entity_poly.pdbx_seq_one_letter_code
;SNAASAAEAPLPQLRAYTVDASWLQPMAPLQVADHTWQIGTEDLTALLVQTAEGAVLLDGGMPQMAGHLLDNMKLRGVAP
QDLRLILLSHAHADHAGPVAELKRRTGAHVAANAETAVLLARGGSNDLHFGDGITYPPASADRIIMDGEVVTVGGIAFTA
HFMPGHTPGSTAWTWTDTRDGKPVRIAYADSLSAPGYQLKGNPRYPRLIEDYKRSFATVRALPCDLLLTPHPGASNWNYA
VGSKASAEALTCNAYADAAEKKFDAQLARETAGTR
;
_entity_poly.pdbx_strand_id   A
#
loop_
_chem_comp.id
_chem_comp.type
_chem_comp.name
_chem_comp.formula
MX0 non-polymer '(1R,6R,7R)-7-[(2R)-2-carboxypropanamido]-7-methoxy-3-methyl-8-oxo-5-oxa-1-azabicyclo[4.2.0]oct-2-ene-2-carboxylic acid' 'C13 H16 N2 O8'
ZN non-polymer 'ZINC ION' 'Zn 2'
#
# COMPACT_ATOMS: atom_id res chain seq x y z
N ALA A 9 -21.31 15.56 33.25
CA ALA A 9 -20.95 14.61 32.21
C ALA A 9 -19.69 15.06 31.47
N PRO A 10 -18.58 14.37 31.71
CA PRO A 10 -17.32 14.77 31.09
C PRO A 10 -17.28 14.46 29.60
N LEU A 11 -16.33 15.09 28.91
CA LEU A 11 -16.14 14.84 27.50
C LEU A 11 -15.64 13.41 27.28
N PRO A 12 -15.95 12.81 26.12
CA PRO A 12 -15.56 11.42 25.90
C PRO A 12 -14.05 11.25 25.77
N GLN A 13 -13.58 10.06 26.15
CA GLN A 13 -12.16 9.76 26.07
C GLN A 13 -11.75 9.47 24.64
N LEU A 14 -10.45 9.65 24.37
CA LEU A 14 -9.90 9.26 23.08
C LEU A 14 -9.97 7.75 22.91
N ARG A 15 -10.25 7.31 21.69
CA ARG A 15 -10.32 5.89 21.35
C ARG A 15 -9.21 5.54 20.37
N ALA A 16 -8.51 4.45 20.63
CA ALA A 16 -7.40 4.04 19.80
C ALA A 16 -7.91 3.33 18.54
N TYR A 17 -7.00 3.16 17.58
CA TYR A 17 -7.32 2.50 16.32
C TYR A 17 -6.99 1.02 16.44
N THR A 18 -8.01 0.23 16.77
CA THR A 18 -7.87 -1.21 16.94
C THR A 18 -8.27 -1.93 15.66
N VAL A 19 -7.55 -3.00 15.34
CA VAL A 19 -7.73 -3.74 14.10
C VAL A 19 -7.87 -5.22 14.42
N ASP A 20 -8.13 -6.02 13.39
CA ASP A 20 -8.20 -7.46 13.55
C ASP A 20 -6.85 -8.02 13.98
N ALA A 21 -6.89 -9.13 14.72
CA ALA A 21 -5.66 -9.72 15.22
C ALA A 21 -4.78 -10.26 14.09
N SER A 22 -5.39 -10.69 12.99
CA SER A 22 -4.60 -11.21 11.87
C SER A 22 -3.79 -10.10 11.20
N TRP A 23 -4.24 -8.85 11.29
CA TRP A 23 -3.45 -7.74 10.78
C TRP A 23 -2.15 -7.56 11.55
N LEU A 24 -2.09 -8.07 12.79
CA LEU A 24 -0.92 -7.93 13.64
C LEU A 24 -0.24 -9.26 13.92
N GLN A 25 -0.54 -10.29 13.12
CA GLN A 25 0.09 -11.60 13.29
C GLN A 25 1.37 -11.66 12.46
N PRO A 26 2.54 -11.55 13.08
CA PRO A 26 3.78 -11.51 12.31
C PRO A 26 4.04 -12.82 11.58
N MET A 27 4.70 -12.70 10.43
CA MET A 27 5.05 -13.87 9.63
C MET A 27 6.49 -13.72 9.16
N ALA A 28 7.09 -14.85 8.81
CA ALA A 28 8.45 -14.86 8.29
C ALA A 28 8.43 -14.44 6.82
N PRO A 29 9.58 -14.01 6.29
CA PRO A 29 9.62 -13.60 4.88
C PRO A 29 9.15 -14.68 3.91
N LEU A 30 8.02 -14.44 3.27
CA LEU A 30 7.52 -15.29 2.19
C LEU A 30 7.97 -14.70 0.86
N GLN A 31 8.53 -15.55 -0.01
CA GLN A 31 9.12 -15.08 -1.26
C GLN A 31 8.08 -14.98 -2.37
N VAL A 32 8.12 -13.87 -3.09
CA VAL A 32 7.20 -13.61 -4.21
C VAL A 32 7.90 -13.82 -5.54
N ALA A 33 9.08 -13.24 -5.71
CA ALA A 33 9.90 -13.43 -6.90
C ALA A 33 11.35 -13.57 -6.44
N ASP A 34 12.29 -13.51 -7.40
CA ASP A 34 13.70 -13.64 -7.05
C ASP A 34 14.16 -12.53 -6.13
N HIS A 35 13.59 -11.34 -6.26
CA HIS A 35 14.02 -10.19 -5.48
C HIS A 35 12.93 -9.60 -4.59
N THR A 36 11.70 -10.13 -4.66
CA THR A 36 10.56 -9.56 -3.95
C THR A 36 10.15 -10.48 -2.81
N TRP A 37 9.98 -9.91 -1.62
CA TRP A 37 9.65 -10.65 -0.42
C TRP A 37 8.54 -9.95 0.33
N GLN A 38 7.61 -10.74 0.86
CA GLN A 38 6.59 -10.24 1.78
C GLN A 38 7.08 -10.42 3.21
N ILE A 39 7.19 -9.31 3.95
CA ILE A 39 7.81 -9.34 5.27
C ILE A 39 6.90 -8.69 6.30
N GLY A 40 5.62 -8.56 5.99
CA GLY A 40 4.67 -7.95 6.91
C GLY A 40 4.01 -8.93 7.85
N THR A 41 2.68 -8.90 7.91
CA THR A 41 1.91 -9.83 8.71
C THR A 41 1.05 -10.69 7.79
N GLU A 42 0.14 -11.48 8.40
CA GLU A 42 -0.70 -12.37 7.62
C GLU A 42 -1.74 -11.62 6.82
N ASP A 43 -2.22 -10.47 7.32
CA ASP A 43 -3.25 -9.71 6.63
C ASP A 43 -2.82 -8.29 6.28
N LEU A 44 -1.53 -7.99 6.33
CA LEU A 44 -1.03 -6.68 5.90
C LEU A 44 0.23 -6.87 5.09
N THR A 45 0.23 -6.32 3.87
CA THR A 45 1.32 -6.51 2.93
C THR A 45 2.43 -5.50 3.18
N ALA A 46 3.66 -5.99 3.28
CA ALA A 46 4.85 -5.13 3.31
C ALA A 46 5.90 -5.78 2.42
N LEU A 47 6.16 -5.18 1.27
CA LEU A 47 7.01 -5.79 0.25
C LEU A 47 8.42 -5.25 0.32
N LEU A 48 9.40 -6.16 0.33
CA LEU A 48 10.81 -5.81 0.29
C LEU A 48 11.39 -6.27 -1.05
N VAL A 49 12.20 -5.40 -1.66
CA VAL A 49 12.86 -5.70 -2.93
C VAL A 49 14.35 -5.49 -2.73
N GLN A 50 15.11 -6.58 -2.70
CA GLN A 50 16.55 -6.52 -2.50
C GLN A 50 17.24 -6.38 -3.86
N THR A 51 18.02 -5.32 -4.02
CA THR A 51 18.79 -5.05 -5.22
C THR A 51 20.28 -5.05 -4.88
N ALA A 52 21.12 -4.90 -5.90
CA ALA A 52 22.56 -4.92 -5.69
C ALA A 52 23.07 -3.66 -4.98
N GLU A 53 22.31 -2.57 -5.01
CA GLU A 53 22.74 -1.32 -4.38
C GLU A 53 21.90 -0.95 -3.16
N GLY A 54 20.99 -1.81 -2.74
CA GLY A 54 20.19 -1.52 -1.56
C GLY A 54 18.82 -2.15 -1.68
N ALA A 55 18.05 -2.00 -0.61
CA ALA A 55 16.71 -2.55 -0.53
C ALA A 55 15.66 -1.45 -0.67
N VAL A 56 14.47 -1.86 -1.10
CA VAL A 56 13.33 -0.97 -1.23
C VAL A 56 12.16 -1.59 -0.47
N LEU A 57 11.46 -0.79 0.31
CA LEU A 57 10.30 -1.23 1.08
C LEU A 57 9.04 -0.56 0.54
N LEU A 58 8.02 -1.36 0.24
CA LEU A 58 6.74 -0.86 -0.23
C LEU A 58 5.70 -1.10 0.86
N ASP A 59 5.20 0.00 1.44
CA ASP A 59 4.29 0.00 2.59
C ASP A 59 4.95 -0.59 3.83
N GLY A 60 4.32 -0.44 4.99
CA GLY A 60 4.88 -0.92 6.24
C GLY A 60 3.86 -1.49 7.19
N GLY A 61 2.58 -1.23 6.94
CA GLY A 61 1.52 -1.76 7.79
C GLY A 61 1.16 -0.88 8.97
N MET A 62 0.86 -1.50 10.10
CA MET A 62 0.45 -0.76 11.30
C MET A 62 1.63 -0.06 11.94
N PRO A 63 1.38 0.98 12.75
CA PRO A 63 2.50 1.71 13.37
C PRO A 63 3.37 0.87 14.27
N GLN A 64 2.81 -0.17 14.92
CA GLN A 64 3.57 -1.00 15.84
C GLN A 64 4.29 -2.15 15.15
N MET A 65 4.46 -2.08 13.82
CA MET A 65 5.13 -3.13 13.07
C MET A 65 6.57 -2.78 12.71
N ALA A 66 7.07 -1.63 13.17
CA ALA A 66 8.40 -1.18 12.77
C ALA A 66 9.48 -2.17 13.18
N GLY A 67 9.38 -2.71 14.40
CA GLY A 67 10.37 -3.68 14.85
C GLY A 67 10.30 -4.99 14.09
N HIS A 68 9.09 -5.42 13.73
CA HIS A 68 8.94 -6.67 12.99
C HIS A 68 9.52 -6.55 11.59
N LEU A 69 9.33 -5.40 10.94
CA LEU A 69 9.92 -5.20 9.62
C LEU A 69 11.44 -5.25 9.69
N LEU A 70 12.03 -4.63 10.71
CA LEU A 70 13.48 -4.64 10.83
C LEU A 70 14.01 -6.04 11.09
N ASP A 71 13.29 -6.83 11.88
CA ASP A 71 13.72 -8.21 12.13
C ASP A 71 13.70 -9.03 10.85
N ASN A 72 12.66 -8.86 10.03
CA ASN A 72 12.59 -9.60 8.78
C ASN A 72 13.62 -9.13 7.77
N MET A 73 13.91 -7.83 7.75
CA MET A 73 14.99 -7.34 6.90
C MET A 73 16.34 -7.94 7.32
N LYS A 74 16.54 -8.11 8.62
CA LYS A 74 17.76 -8.76 9.10
C LYS A 74 17.83 -10.21 8.65
N LEU A 75 16.68 -10.90 8.60
CA LEU A 75 16.68 -12.28 8.12
C LEU A 75 17.07 -12.37 6.66
N ARG A 76 16.72 -11.37 5.86
CA ARG A 76 17.13 -11.32 4.47
C ARG A 76 18.54 -10.78 4.28
N GLY A 77 19.29 -10.59 5.37
CA GLY A 77 20.61 -10.03 5.26
C GLY A 77 20.65 -8.57 4.87
N VAL A 78 19.62 -7.81 5.23
CA VAL A 78 19.53 -6.39 4.90
C VAL A 78 19.71 -5.62 6.20
N ALA A 79 20.81 -4.88 6.29
CA ALA A 79 21.05 -4.03 7.45
C ALA A 79 20.15 -2.80 7.38
N PRO A 80 19.90 -2.14 8.52
CA PRO A 80 19.08 -0.91 8.50
C PRO A 80 19.59 0.14 7.53
N GLN A 81 20.90 0.38 7.48
CA GLN A 81 21.44 1.37 6.56
C GLN A 81 21.40 0.92 5.10
N ASP A 82 20.95 -0.30 4.82
CA ASP A 82 20.83 -0.77 3.44
C ASP A 82 19.47 -0.46 2.82
N LEU A 83 18.47 -0.13 3.63
CA LEU A 83 17.18 0.31 3.12
C LEU A 83 17.34 1.71 2.52
N ARG A 84 17.20 1.81 1.19
CA ARG A 84 17.42 3.08 0.51
C ARG A 84 16.15 3.89 0.36
N LEU A 85 15.03 3.25 0.08
CA LEU A 85 13.81 3.97 -0.28
C LEU A 85 12.59 3.31 0.33
N ILE A 86 11.61 4.13 0.67
CA ILE A 86 10.30 3.69 1.14
C ILE A 86 9.26 4.22 0.17
N LEU A 87 8.50 3.31 -0.42
CA LEU A 87 7.40 3.65 -1.31
C LEU A 87 6.07 3.28 -0.65
N LEU A 88 5.01 4.01 -0.99
CA LEU A 88 3.72 3.84 -0.35
C LEU A 88 2.61 3.65 -1.39
N SER A 89 1.55 2.98 -0.96
CA SER A 89 0.32 2.91 -1.74
C SER A 89 -0.60 4.07 -1.38
N HIS A 90 -0.98 4.19 -0.11
CA HIS A 90 -1.66 5.37 0.37
C HIS A 90 -1.29 5.56 1.84
N ALA A 91 -1.41 6.81 2.30
CA ALA A 91 -0.86 7.20 3.60
C ALA A 91 -1.91 7.09 4.71
N HIS A 92 -2.42 5.88 4.90
CA HIS A 92 -3.24 5.54 6.05
C HIS A 92 -2.42 4.79 7.09
N ALA A 93 -2.92 4.81 8.33
CA ALA A 93 -2.14 4.29 9.45
C ALA A 93 -1.88 2.80 9.33
N ASP A 94 -2.76 2.06 8.67
CA ASP A 94 -2.57 0.62 8.53
C ASP A 94 -1.68 0.25 7.35
N HIS A 95 -1.04 1.23 6.72
CA HIS A 95 -0.11 0.95 5.62
C HIS A 95 1.14 1.80 5.74
N ALA A 96 1.01 3.05 6.20
CA ALA A 96 2.14 3.96 6.36
C ALA A 96 2.45 4.22 7.83
N GLY A 97 2.00 3.34 8.72
CA GLY A 97 2.17 3.50 10.15
C GLY A 97 3.61 3.71 10.62
N PRO A 98 4.49 2.75 10.34
CA PRO A 98 5.86 2.84 10.84
C PRO A 98 6.81 3.67 10.00
N VAL A 99 6.31 4.44 9.03
CA VAL A 99 7.21 5.15 8.10
C VAL A 99 8.09 6.13 8.87
N ALA A 100 7.53 6.84 9.84
CA ALA A 100 8.30 7.82 10.59
C ALA A 100 9.42 7.16 11.38
N GLU A 101 9.11 6.08 12.10
CA GLU A 101 10.12 5.38 12.86
C GLU A 101 11.14 4.70 11.95
N LEU A 102 10.69 4.16 10.81
CA LEU A 102 11.62 3.52 9.90
C LEU A 102 12.63 4.51 9.35
N LYS A 103 12.20 5.73 9.03
CA LYS A 103 13.13 6.75 8.56
C LYS A 103 14.18 7.08 9.61
N ARG A 104 13.82 7.05 10.89
CA ARG A 104 14.78 7.39 11.93
C ARG A 104 15.83 6.30 12.11
N ARG A 105 15.43 5.04 11.97
CA ARG A 105 16.29 3.92 12.32
C ARG A 105 16.94 3.24 11.12
N THR A 106 16.65 3.70 9.89
CA THR A 106 17.24 3.08 8.71
C THR A 106 17.99 4.05 7.81
N GLY A 107 17.81 5.35 7.95
CA GLY A 107 18.43 6.27 7.01
C GLY A 107 17.92 6.12 5.60
N ALA A 108 16.62 5.91 5.43
CA ALA A 108 16.00 5.74 4.13
C ALA A 108 15.21 6.99 3.75
N HIS A 109 14.95 7.13 2.46
CA HIS A 109 14.16 8.23 1.94
C HIS A 109 12.79 7.73 1.53
N VAL A 110 11.81 8.64 1.53
CA VAL A 110 10.43 8.33 1.17
C VAL A 110 10.07 9.10 -0.09
N ALA A 111 9.56 8.39 -1.09
CA ALA A 111 9.10 8.98 -2.33
C ALA A 111 7.59 8.75 -2.45
N ALA A 112 6.84 9.83 -2.62
CA ALA A 112 5.39 9.75 -2.76
C ALA A 112 4.93 10.99 -3.51
N ASN A 113 3.70 10.94 -4.01
CA ASN A 113 3.16 12.06 -4.77
C ASN A 113 2.69 13.17 -3.83
N ALA A 114 2.26 14.29 -4.39
CA ALA A 114 1.90 15.44 -3.57
C ALA A 114 0.76 15.11 -2.61
N GLU A 115 -0.26 14.39 -3.09
CA GLU A 115 -1.41 14.11 -2.24
C GLU A 115 -1.04 13.18 -1.09
N THR A 116 -0.20 12.17 -1.36
CA THR A 116 0.22 11.28 -0.28
C THR A 116 1.21 11.98 0.65
N ALA A 117 2.05 12.86 0.11
CA ALA A 117 3.01 13.58 0.94
C ALA A 117 2.31 14.45 1.97
N VAL A 118 1.28 15.20 1.56
CA VAL A 118 0.62 16.11 2.50
C VAL A 118 -0.18 15.33 3.53
N LEU A 119 -0.77 14.20 3.14
CA LEU A 119 -1.46 13.37 4.13
C LEU A 119 -0.47 12.73 5.09
N LEU A 120 0.68 12.29 4.57
CA LEU A 120 1.72 11.75 5.43
C LEU A 120 2.32 12.83 6.32
N ALA A 121 2.34 14.08 5.85
CA ALA A 121 2.92 15.16 6.62
C ALA A 121 2.10 15.48 7.86
N ARG A 122 0.78 15.28 7.81
CA ARG A 122 -0.06 15.48 8.97
C ARG A 122 -0.50 14.17 9.62
N GLY A 123 0.19 13.07 9.31
CA GLY A 123 -0.02 11.82 10.02
C GLY A 123 -1.41 11.25 9.92
N GLY A 124 -2.08 11.46 8.80
CA GLY A 124 -3.43 10.96 8.62
C GLY A 124 -4.52 11.78 9.30
N SER A 125 -4.16 12.86 9.98
CA SER A 125 -5.18 13.70 10.60
C SER A 125 -5.94 14.49 9.52
N ASN A 126 -7.12 14.98 9.89
CA ASN A 126 -7.99 15.71 8.98
C ASN A 126 -8.26 14.91 7.71
N ASP A 127 -8.51 13.61 7.89
CA ASP A 127 -8.83 12.76 6.76
C ASP A 127 -10.16 13.18 6.14
N LEU A 128 -10.26 13.01 4.82
CA LEU A 128 -11.46 13.46 4.12
C LEU A 128 -12.70 12.69 4.58
N HIS A 129 -12.52 11.44 4.98
CA HIS A 129 -13.63 10.60 5.41
C HIS A 129 -13.56 10.18 6.87
N PHE A 130 -12.36 10.09 7.44
CA PHE A 130 -12.18 9.57 8.78
C PHE A 130 -11.89 10.66 9.82
N GLY A 131 -11.70 11.91 9.41
CA GLY A 131 -11.43 12.97 10.36
C GLY A 131 -10.09 12.74 11.04
N ASP A 132 -10.10 12.81 12.38
CA ASP A 132 -8.91 12.59 13.19
C ASP A 132 -8.93 11.26 13.92
N GLY A 133 -9.81 10.33 13.49
CA GLY A 133 -9.95 9.08 14.20
C GLY A 133 -8.82 8.09 13.95
N ILE A 134 -8.24 8.10 12.77
CA ILE A 134 -7.13 7.20 12.45
C ILE A 134 -5.89 8.05 12.24
N THR A 135 -5.09 8.22 13.30
CA THR A 135 -3.91 9.08 13.30
C THR A 135 -2.69 8.26 13.65
N TYR A 136 -1.60 8.51 12.93
CA TYR A 136 -0.31 7.87 13.14
C TYR A 136 0.78 8.92 13.18
N PRO A 137 1.97 8.58 13.69
CA PRO A 137 3.08 9.55 13.71
C PRO A 137 3.38 10.08 12.32
N PRO A 138 3.56 11.38 12.18
CA PRO A 138 3.76 11.97 10.86
C PRO A 138 5.19 11.77 10.35
N ALA A 139 5.32 11.81 9.03
CA ALA A 139 6.61 11.73 8.36
C ALA A 139 6.59 12.63 7.14
N SER A 140 7.79 12.99 6.68
CA SER A 140 7.95 13.88 5.54
C SER A 140 8.43 13.11 4.32
N ALA A 141 7.92 13.49 3.16
CA ALA A 141 8.36 12.91 1.89
C ALA A 141 9.59 13.65 1.38
N ASP A 142 10.62 12.91 1.01
CA ASP A 142 11.86 13.50 0.55
C ASP A 142 11.86 13.77 -0.95
N ARG A 143 11.12 12.99 -1.72
CA ARG A 143 11.07 13.13 -3.18
C ARG A 143 9.63 13.03 -3.63
N ILE A 144 9.17 14.04 -4.37
CA ILE A 144 7.81 14.06 -4.91
C ILE A 144 7.84 13.46 -6.32
N ILE A 145 6.92 12.55 -6.59
CA ILE A 145 6.87 11.86 -7.87
C ILE A 145 5.55 12.17 -8.57
N MET A 146 5.59 12.14 -9.90
CA MET A 146 4.45 12.40 -10.75
C MET A 146 3.91 11.10 -11.34
N ASP A 147 2.74 11.19 -11.96
CA ASP A 147 2.10 10.02 -12.55
C ASP A 147 2.92 9.51 -13.72
N GLY A 148 3.21 8.21 -13.72
CA GLY A 148 4.04 7.62 -14.74
C GLY A 148 5.52 7.79 -14.56
N GLU A 149 5.96 8.38 -13.45
CA GLU A 149 7.39 8.58 -13.22
C GLU A 149 8.06 7.25 -12.87
N VAL A 150 9.34 7.15 -13.20
CA VAL A 150 10.13 5.94 -12.98
C VAL A 150 11.15 6.20 -11.88
N VAL A 151 11.13 5.34 -10.87
CA VAL A 151 12.10 5.38 -9.78
C VAL A 151 12.97 4.13 -9.89
N THR A 152 14.28 4.32 -10.03
CA THR A 152 15.23 3.24 -10.23
C THR A 152 16.14 3.11 -9.02
N VAL A 153 16.28 1.88 -8.53
CA VAL A 153 17.18 1.56 -7.41
C VAL A 153 17.84 0.22 -7.72
N GLY A 154 19.16 0.24 -7.89
CA GLY A 154 19.89 -0.99 -8.14
C GLY A 154 19.51 -1.70 -9.42
N GLY A 155 19.15 -0.94 -10.46
CA GLY A 155 18.78 -1.51 -11.73
C GLY A 155 17.34 -1.96 -11.85
N ILE A 156 16.55 -1.90 -10.78
CA ILE A 156 15.14 -2.26 -10.82
C ILE A 156 14.32 -0.97 -10.89
N ALA A 157 13.48 -0.88 -11.92
CA ALA A 157 12.71 0.33 -12.20
C ALA A 157 11.29 0.19 -11.64
N PHE A 158 10.89 1.15 -10.82
CA PHE A 158 9.55 1.20 -10.24
C PHE A 158 8.77 2.32 -10.93
N THR A 159 7.66 1.97 -11.56
CA THR A 159 6.82 2.94 -12.25
C THR A 159 5.57 3.19 -11.42
N ALA A 160 5.27 4.47 -11.17
CA ALA A 160 4.09 4.85 -10.41
C ALA A 160 2.92 5.06 -11.35
N HIS A 161 1.73 4.70 -10.88
CA HIS A 161 0.49 4.89 -11.64
C HIS A 161 -0.55 5.44 -10.68
N PHE A 162 -0.93 6.71 -10.85
CA PHE A 162 -1.91 7.31 -9.97
C PHE A 162 -3.26 6.66 -10.16
N MET A 163 -3.89 6.27 -9.06
CA MET A 163 -5.23 5.67 -9.07
C MET A 163 -6.05 6.29 -7.94
N PRO A 164 -6.42 7.56 -8.07
CA PRO A 164 -7.14 8.24 -6.98
C PRO A 164 -8.46 7.56 -6.69
N GLY A 165 -8.81 7.51 -5.40
CA GLY A 165 -10.05 6.88 -4.99
C GLY A 165 -10.11 6.65 -3.49
N HIS A 166 -9.42 5.61 -3.02
CA HIS A 166 -9.37 5.34 -1.59
C HIS A 166 -8.82 6.54 -0.83
N THR A 167 -7.72 7.10 -1.32
CA THR A 167 -7.20 8.39 -0.92
C THR A 167 -6.84 9.14 -2.20
N PRO A 168 -6.79 10.48 -2.14
CA PRO A 168 -6.39 11.24 -3.34
C PRO A 168 -5.00 10.91 -3.85
N GLY A 169 -4.14 10.33 -3.01
CA GLY A 169 -2.79 10.01 -3.43
C GLY A 169 -2.53 8.52 -3.61
N SER A 170 -3.60 7.75 -3.79
CA SER A 170 -3.46 6.32 -3.99
C SER A 170 -2.65 6.03 -5.24
N THR A 171 -1.64 5.18 -5.09
CA THR A 171 -0.66 4.92 -6.14
C THR A 171 -0.47 3.41 -6.30
N ALA A 172 -0.45 2.97 -7.56
CA ALA A 172 -0.08 1.59 -7.90
C ALA A 172 1.34 1.59 -8.43
N TRP A 173 2.14 0.64 -7.96
CA TRP A 173 3.53 0.49 -8.37
C TRP A 173 3.70 -0.79 -9.17
N THR A 174 4.36 -0.69 -10.32
CA THR A 174 4.61 -1.82 -11.19
C THR A 174 6.11 -1.94 -11.45
N TRP A 175 6.64 -3.14 -11.35
CA TRP A 175 8.03 -3.39 -11.69
C TRP A 175 8.15 -4.79 -12.28
N THR A 176 9.27 -5.04 -12.94
CA THR A 176 9.54 -6.32 -13.58
C THR A 176 10.67 -7.01 -12.83
N ASP A 177 10.36 -8.14 -12.22
CA ASP A 177 11.32 -8.98 -11.53
C ASP A 177 11.59 -10.22 -12.37
N THR A 178 12.32 -11.18 -11.78
CA THR A 178 12.55 -12.47 -12.42
C THR A 178 12.14 -13.58 -11.45
N ARG A 179 11.88 -14.75 -12.02
CA ARG A 179 11.56 -15.95 -11.24
C ARG A 179 12.29 -17.11 -11.91
N ASP A 180 13.44 -17.48 -11.34
CA ASP A 180 14.35 -18.44 -11.94
C ASP A 180 14.80 -17.98 -13.33
N GLY A 181 15.06 -16.68 -13.46
CA GLY A 181 15.53 -16.10 -14.70
C GLY A 181 14.43 -15.69 -15.67
N LYS A 182 13.17 -16.04 -15.40
CA LYS A 182 12.07 -15.69 -16.29
C LYS A 182 11.42 -14.39 -15.83
N PRO A 183 11.28 -13.40 -16.71
CA PRO A 183 10.79 -12.09 -16.28
C PRO A 183 9.32 -12.15 -15.91
N VAL A 184 9.01 -11.63 -14.72
CA VAL A 184 7.64 -11.53 -14.23
C VAL A 184 7.34 -10.06 -13.96
N ARG A 185 6.17 -9.61 -14.39
CA ARG A 185 5.76 -8.21 -14.25
C ARG A 185 4.83 -8.11 -13.04
N ILE A 186 5.35 -7.58 -11.94
CA ILE A 186 4.60 -7.48 -10.69
C ILE A 186 3.94 -6.11 -10.61
N ALA A 187 2.65 -6.10 -10.28
CA ALA A 187 1.90 -4.87 -10.08
C ALA A 187 1.36 -4.87 -8.66
N TYR A 188 1.70 -3.82 -7.90
CA TYR A 188 1.22 -3.64 -6.54
C TYR A 188 0.19 -2.53 -6.58
N ALA A 189 -1.08 -2.91 -6.71
CA ALA A 189 -2.17 -1.96 -6.85
C ALA A 189 -2.77 -1.63 -5.49
N ASP A 190 -3.17 -0.39 -5.31
CA ASP A 190 -3.76 0.03 -4.06
C ASP A 190 -5.21 -0.46 -3.96
N SER A 191 -5.78 -0.33 -2.77
CA SER A 191 -7.16 -0.73 -2.58
C SER A 191 -8.10 0.19 -3.35
N LEU A 192 -9.23 -0.38 -3.77
CA LEU A 192 -10.27 0.36 -4.49
C LEU A 192 -11.57 0.42 -3.71
N SER A 193 -11.50 0.26 -2.39
CA SER A 193 -12.70 0.23 -1.55
C SER A 193 -13.05 1.63 -1.07
N ALA A 194 -14.26 1.74 -0.53
CA ALA A 194 -14.75 3.01 0.05
C ALA A 194 -15.56 2.67 1.29
N PRO A 195 -14.90 2.20 2.36
CA PRO A 195 -15.65 1.77 3.55
C PRO A 195 -16.31 2.94 4.27
N GLY A 196 -17.61 3.10 4.08
CA GLY A 196 -18.35 4.18 4.71
C GLY A 196 -18.17 5.54 4.08
N TYR A 197 -17.59 5.62 2.88
CA TYR A 197 -17.41 6.90 2.23
C TYR A 197 -18.73 7.43 1.68
N GLN A 198 -18.94 8.73 1.81
CA GLN A 198 -20.02 9.39 1.10
C GLN A 198 -19.56 9.63 -0.33
N LEU A 199 -20.18 8.93 -1.29
CA LEU A 199 -19.71 8.99 -2.66
C LEU A 199 -20.33 10.17 -3.41
N LYS A 200 -21.61 10.43 -3.19
CA LYS A 200 -22.38 11.39 -3.98
C LYS A 200 -22.37 12.75 -3.28
N GLY A 201 -21.82 13.76 -3.94
CA GLY A 201 -21.85 15.12 -3.41
C GLY A 201 -21.08 15.29 -2.13
N ASN A 202 -19.88 14.74 -2.04
CA ASN A 202 -19.05 14.89 -0.85
C ASN A 202 -18.33 16.24 -0.93
N PRO A 203 -18.59 17.16 -0.01
CA PRO A 203 -17.96 18.49 -0.12
C PRO A 203 -16.44 18.45 -0.03
N ARG A 204 -15.87 17.51 0.72
CA ARG A 204 -14.42 17.39 0.81
C ARG A 204 -13.80 16.69 -0.40
N TYR A 205 -14.60 16.08 -1.26
CA TYR A 205 -14.10 15.38 -2.44
C TYR A 205 -15.17 15.40 -3.52
N PRO A 206 -15.34 16.54 -4.20
CA PRO A 206 -16.47 16.67 -5.15
C PRO A 206 -16.41 15.71 -6.32
N ARG A 207 -15.23 15.51 -6.91
CA ARG A 207 -15.08 14.63 -8.07
C ARG A 207 -14.62 13.24 -7.67
N LEU A 208 -15.19 12.70 -6.59
CA LEU A 208 -14.74 11.40 -6.10
C LEU A 208 -15.18 10.27 -7.05
N ILE A 209 -16.40 10.36 -7.59
CA ILE A 209 -16.89 9.30 -8.46
C ILE A 209 -16.09 9.25 -9.76
N GLU A 210 -15.74 10.43 -10.31
CA GLU A 210 -14.94 10.46 -11.52
C GLU A 210 -13.57 9.83 -11.29
N ASP A 211 -13.00 10.03 -10.10
CA ASP A 211 -11.67 9.48 -9.83
C ASP A 211 -11.73 7.97 -9.66
N TYR A 212 -12.76 7.47 -8.97
CA TYR A 212 -12.91 6.03 -8.79
C TYR A 212 -13.07 5.33 -10.14
N LYS A 213 -13.96 5.84 -11.00
CA LYS A 213 -14.18 5.23 -12.31
C LYS A 213 -12.90 5.24 -13.13
N ARG A 214 -12.23 6.38 -13.22
CA ARG A 214 -11.00 6.47 -13.99
C ARG A 214 -9.91 5.56 -13.42
N SER A 215 -9.94 5.29 -12.11
CA SER A 215 -8.95 4.39 -11.52
C SER A 215 -9.25 2.93 -11.83
N PHE A 216 -10.53 2.57 -11.96
CA PHE A 216 -10.87 1.21 -12.37
C PHE A 216 -10.27 0.89 -13.73
N ALA A 217 -10.36 1.82 -14.68
CA ALA A 217 -9.74 1.61 -15.98
C ALA A 217 -8.22 1.59 -15.88
N THR A 218 -7.65 2.33 -14.94
CA THR A 218 -6.20 2.33 -14.78
C THR A 218 -5.70 0.98 -14.30
N VAL A 219 -6.39 0.39 -13.32
CA VAL A 219 -5.95 -0.90 -12.78
C VAL A 219 -6.07 -2.00 -13.84
N ARG A 220 -7.09 -1.92 -14.70
CA ARG A 220 -7.26 -2.94 -15.75
C ARG A 220 -6.07 -2.96 -16.70
N ALA A 221 -5.51 -1.81 -17.01
CA ALA A 221 -4.48 -1.69 -18.04
C ALA A 221 -3.06 -1.77 -17.48
N LEU A 222 -2.89 -2.20 -16.23
CA LEU A 222 -1.56 -2.26 -15.66
C LEU A 222 -0.78 -3.44 -16.24
N PRO A 223 0.47 -3.23 -16.66
CA PRO A 223 1.30 -4.38 -17.06
C PRO A 223 1.53 -5.29 -15.86
N CYS A 224 0.91 -6.46 -15.86
CA CYS A 224 0.84 -7.26 -14.65
C CYS A 224 0.76 -8.74 -15.00
N ASP A 225 1.76 -9.50 -14.56
CA ASP A 225 1.69 -10.95 -14.53
C ASP A 225 1.38 -11.50 -13.14
N LEU A 226 1.50 -10.68 -12.10
CA LEU A 226 1.22 -11.08 -10.73
C LEU A 226 0.80 -9.85 -9.95
N LEU A 227 -0.38 -9.90 -9.34
CA LEU A 227 -0.97 -8.76 -8.64
C LEU A 227 -0.90 -8.96 -7.12
N LEU A 228 -0.51 -7.90 -6.42
CA LEU A 228 -0.55 -7.85 -4.96
C LEU A 228 -1.24 -6.55 -4.52
N THR A 229 -1.85 -6.60 -3.35
CA THR A 229 -2.63 -5.51 -2.81
C THR A 229 -2.26 -5.29 -1.35
N PRO A 230 -2.45 -4.07 -0.83
CA PRO A 230 -2.12 -3.81 0.58
C PRO A 230 -2.79 -4.78 1.55
N HIS A 231 -4.06 -5.11 1.32
CA HIS A 231 -4.70 -6.20 2.04
C HIS A 231 -4.69 -7.43 1.17
N PRO A 232 -4.03 -8.52 1.59
CA PRO A 232 -3.88 -9.68 0.69
C PRO A 232 -5.20 -10.30 0.27
N GLY A 233 -6.23 -10.26 1.12
CA GLY A 233 -7.51 -10.83 0.76
C GLY A 233 -8.21 -10.13 -0.39
N ALA A 234 -7.85 -8.87 -0.65
CA ALA A 234 -8.50 -8.13 -1.73
C ALA A 234 -8.19 -8.72 -3.10
N SER A 235 -7.05 -9.40 -3.24
CA SER A 235 -6.69 -10.09 -4.48
C SER A 235 -6.59 -11.60 -4.28
N ASN A 236 -7.21 -12.12 -3.22
CA ASN A 236 -7.23 -13.56 -2.93
C ASN A 236 -5.83 -14.12 -2.73
N TRP A 237 -4.96 -13.33 -2.10
CA TRP A 237 -3.69 -13.82 -1.59
C TRP A 237 -3.91 -14.35 -0.17
N ASN A 238 -3.27 -15.47 0.14
CA ASN A 238 -3.33 -16.06 1.47
C ASN A 238 -1.91 -16.30 1.95
N TYR A 239 -1.33 -15.29 2.60
CA TYR A 239 0.06 -15.36 3.05
C TYR A 239 0.31 -16.50 4.03
N ALA A 240 -0.75 -17.08 4.62
CA ALA A 240 -0.60 -18.07 5.67
C ALA A 240 -0.21 -19.44 5.14
N VAL A 241 -0.66 -19.79 3.92
CA VAL A 241 -0.45 -21.14 3.40
C VAL A 241 0.90 -21.25 2.71
N GLY A 242 1.76 -20.26 2.90
CA GLY A 242 3.12 -20.32 2.38
C GLY A 242 3.24 -20.44 0.87
N SER A 243 3.59 -21.64 0.41
CA SER A 243 3.88 -21.84 -1.01
C SER A 243 2.65 -21.58 -1.88
N LYS A 244 1.48 -22.04 -1.45
CA LYS A 244 0.25 -21.90 -2.22
C LYS A 244 -0.46 -20.57 -1.98
N ALA A 245 0.30 -19.51 -1.68
CA ALA A 245 -0.32 -18.22 -1.38
C ALA A 245 -0.92 -17.58 -2.62
N SER A 246 -0.18 -17.58 -3.72
CA SER A 246 -0.63 -16.98 -4.98
C SER A 246 -1.47 -17.94 -5.82
N ALA A 247 -2.01 -19.00 -5.21
CA ALA A 247 -2.74 -20.01 -5.98
C ALA A 247 -4.01 -19.42 -6.60
N GLU A 248 -4.90 -18.90 -5.76
CA GLU A 248 -6.18 -18.37 -6.22
C GLU A 248 -6.16 -16.85 -6.42
N ALA A 249 -4.99 -16.28 -6.64
CA ALA A 249 -4.88 -14.83 -6.79
C ALA A 249 -5.65 -14.34 -8.00
N LEU A 250 -6.08 -13.08 -7.94
CA LEU A 250 -6.87 -12.47 -9.01
C LEU A 250 -5.98 -11.76 -10.02
N THR A 251 -6.54 -11.55 -11.21
CA THR A 251 -5.89 -10.75 -12.23
C THR A 251 -6.17 -9.27 -12.00
N CYS A 252 -5.56 -8.42 -12.82
CA CYS A 252 -5.86 -6.99 -12.75
C CYS A 252 -7.29 -6.72 -13.20
N ASN A 253 -7.74 -7.39 -14.26
CA ASN A 253 -9.12 -7.23 -14.69
C ASN A 253 -10.10 -7.73 -13.64
N ALA A 254 -9.85 -8.92 -13.08
CA ALA A 254 -10.76 -9.49 -12.10
C ALA A 254 -10.83 -8.62 -10.84
N TYR A 255 -9.70 -8.03 -10.45
CA TYR A 255 -9.68 -7.20 -9.25
C TYR A 255 -10.41 -5.88 -9.46
N ALA A 256 -10.18 -5.25 -10.61
CA ALA A 256 -10.84 -3.97 -10.90
C ALA A 256 -12.32 -4.17 -11.20
N ASP A 257 -12.67 -5.25 -11.90
CA ASP A 257 -14.07 -5.49 -12.24
C ASP A 257 -14.89 -5.87 -11.01
N ALA A 258 -14.30 -6.59 -10.06
CA ALA A 258 -15.02 -6.90 -8.84
C ALA A 258 -15.15 -5.68 -7.94
N ALA A 259 -14.14 -4.81 -7.94
CA ALA A 259 -14.20 -3.60 -7.12
C ALA A 259 -15.21 -2.61 -7.66
N GLU A 260 -15.36 -2.53 -8.99
CA GLU A 260 -16.31 -1.59 -9.57
C GLU A 260 -17.75 -2.01 -9.32
N LYS A 261 -18.01 -3.33 -9.35
CA LYS A 261 -19.35 -3.80 -9.04
C LYS A 261 -19.75 -3.47 -7.61
N LYS A 262 -18.80 -3.57 -6.67
CA LYS A 262 -19.08 -3.17 -5.30
C LYS A 262 -19.27 -1.66 -5.18
N PHE A 263 -18.53 -0.88 -5.97
CA PHE A 263 -18.67 0.57 -5.92
C PHE A 263 -20.03 1.01 -6.45
N ASP A 264 -20.49 0.41 -7.54
CA ASP A 264 -21.78 0.80 -8.13
C ASP A 264 -22.94 0.40 -7.22
N ALA A 265 -22.88 -0.80 -6.65
CA ALA A 265 -23.95 -1.23 -5.74
C ALA A 265 -23.99 -0.35 -4.50
N GLN A 266 -22.83 0.00 -3.94
CA GLN A 266 -22.78 0.93 -2.83
C GLN A 266 -23.28 2.30 -3.24
N LEU A 267 -22.91 2.75 -4.43
CA LEU A 267 -23.40 4.04 -4.93
C LEU A 267 -24.91 4.01 -5.13
N ALA A 268 -25.45 2.89 -5.60
CA ALA A 268 -26.90 2.78 -5.78
C ALA A 268 -27.62 2.75 -4.43
N ARG A 269 -27.05 2.03 -3.46
CA ARG A 269 -27.64 1.99 -2.13
C ARG A 269 -27.49 3.31 -1.39
N GLU A 270 -26.51 4.14 -1.77
CA GLU A 270 -26.36 5.45 -1.14
C GLU A 270 -27.49 6.40 -1.55
N THR A 271 -27.94 6.30 -2.79
CA THR A 271 -29.03 7.14 -3.29
C THR A 271 -30.37 6.84 -2.61
N ALA A 272 -30.48 5.73 -1.88
CA ALA A 272 -31.71 5.38 -1.18
C ALA A 272 -31.97 6.34 -0.01
ZN ZN B . -6.70 2.82 3.93
ZN ZN C . -6.34 -0.33 4.36
C1 MX0 D . -8.92 1.60 5.36
C10 MX0 D . -11.85 2.98 9.52
C11 MX0 D . -12.85 0.81 8.80
C12 MX0 D . -10.41 -2.66 3.59
C13 MX0 D . -8.49 -0.43 2.61
C2 MX0 D . -9.05 -0.56 4.02
C3 MX0 D . -9.94 -1.50 4.42
C4 MX0 D . -10.49 -1.36 5.82
C5 MX0 D . -8.51 -0.14 6.47
C6 MX0 D . -8.92 1.32 6.87
C7 MX0 D . -8.01 3.39 7.66
C8 MX0 D . -10.33 1.10 8.85
C9 MX0 D . -11.66 1.47 9.51
N1 MX0 D . -8.71 0.28 5.07
N2 MX0 D . -10.15 1.53 7.59
O1 MX0 D . -9.10 2.57 4.67
O2 MX0 D . -9.43 -1.18 6.77
O3 MX0 D . -7.88 1.98 7.54
O4 MX0 D . -9.46 0.47 9.43
O5 MX0 D . -12.90 -0.44 8.77
O6 MX0 D . -13.71 1.55 8.28
O7 MX0 D . -7.54 0.32 2.47
O8 MX0 D . -9.04 -1.05 1.73
#